data_8ECA
#
_entry.id   8ECA
#
_cell.length_a   43.537
_cell.length_b   43.537
_cell.length_c   93.329
_cell.angle_alpha   90.00
_cell.angle_beta   90.00
_cell.angle_gamma   120.00
#
_symmetry.space_group_name_H-M   'P 31 2 1'
#
loop_
_entity.id
_entity.type
_entity.pdbx_description
1 polymer ORN-LYS-LEU-VAL-PHE-PHE-ALA-GLU-ORN-CYS-ILE-ILE-SAR-CYS-MET
2 non-polymer (4S)-2-METHYL-2,4-PENTANEDIOL
3 non-polymer 'CHLORIDE ION'
4 water water
#
_entity_poly.entity_id   1
_entity_poly.type   'polypeptide(L)'
_entity_poly.pdbx_seq_one_letter_code
;(ORN)KLVFFAE(ORN)CII(SAR)CMV
;
_entity_poly.pdbx_strand_id   A,B,C,D,E,F
#
# COMPACT_ATOMS: atom_id res chain seq x y z
N LYS A 2 5.00 -11.21 1.00
CA LYS A 2 5.09 -9.94 1.71
C LYS A 2 5.45 -8.81 0.74
N LEU A 3 4.84 -7.65 0.94
CA LEU A 3 5.14 -6.51 0.08
C LEU A 3 6.56 -6.03 0.33
N VAL A 4 7.30 -5.79 -0.75
CA VAL A 4 8.67 -5.32 -0.69
C VAL A 4 8.78 -4.06 -1.52
N PHE A 5 9.42 -3.02 -0.98
CA PHE A 5 9.57 -1.73 -1.63
C PHE A 5 10.98 -1.67 -2.22
N PHE A 6 11.11 -2.08 -3.47
CA PHE A 6 12.40 -2.05 -4.16
C PHE A 6 12.83 -0.62 -4.43
N ALA A 7 14.12 -0.35 -4.26
CA ALA A 7 14.69 0.97 -4.54
C ALA A 7 15.39 0.91 -5.90
N GLU A 8 14.59 1.01 -6.96
CA GLU A 8 15.10 1.01 -8.32
C GLU A 8 15.91 2.27 -8.61
N CYS A 10 13.91 5.26 -7.82
CA CYS A 10 12.50 5.29 -7.45
C CYS A 10 12.15 4.07 -6.62
N ILE A 11 10.99 4.10 -5.98
CA ILE A 11 10.54 3.06 -5.06
C ILE A 11 9.26 2.46 -5.61
N ILE A 12 9.22 1.14 -5.72
CA ILE A 12 8.04 0.43 -6.19
C ILE A 12 7.75 -0.72 -5.22
N CYS A 14 6.52 -4.20 -4.59
CA CYS A 14 6.23 -5.43 -5.34
C CYS A 14 5.99 -6.59 -4.40
N MET A 15 5.18 -7.55 -4.84
CA MET A 15 4.87 -8.73 -4.04
C MET A 15 5.82 -9.87 -4.40
N VAL A 16 6.71 -10.18 -3.46
CA VAL A 16 7.74 -11.20 -3.52
C VAL A 16 7.44 -12.37 -2.59
N LYS B 2 10.72 -5.02 12.58
CA LYS B 2 10.31 -4.24 11.41
C LYS B 2 8.80 -4.31 11.20
N LEU B 3 8.27 -3.44 10.34
CA LEU B 3 6.87 -3.46 9.96
C LEU B 3 6.77 -4.12 8.58
N VAL B 4 6.38 -5.39 8.57
CA VAL B 4 6.23 -6.15 7.34
C VAL B 4 4.76 -6.15 6.94
N PHE B 5 4.51 -5.99 5.65
CA PHE B 5 3.16 -6.02 5.10
C PHE B 5 2.92 -7.42 4.53
N PHE B 6 2.17 -8.22 5.27
CA PHE B 6 2.00 -9.64 4.95
C PHE B 6 0.89 -9.85 3.93
N ALA B 7 0.99 -10.95 3.19
CA ALA B 7 0.12 -11.23 2.05
C ALA B 7 -0.49 -12.62 2.20
N GLU B 8 -1.35 -12.77 3.20
CA GLU B 8 -2.11 -14.01 3.38
C GLU B 8 -3.26 -14.00 2.36
N CYS B 10 -5.16 -10.32 0.94
CA CYS B 10 -5.21 -9.06 1.67
C CYS B 10 -3.85 -8.73 2.26
N ILE B 11 -3.53 -7.44 2.27
CA ILE B 11 -2.23 -6.94 2.75
C ILE B 11 -2.45 -6.38 4.15
N ILE B 12 -1.84 -7.00 5.14
CA ILE B 12 -1.93 -6.53 6.52
C ILE B 12 -0.52 -6.26 7.07
N CYS B 14 2.12 -5.91 10.01
CA CYS B 14 2.25 -6.36 11.39
C CYS B 14 3.70 -6.22 11.85
N MET B 15 3.88 -6.07 13.16
CA MET B 15 5.20 -5.80 13.72
C MET B 15 5.84 -7.07 14.28
N VAL B 16 6.71 -7.68 13.50
CA VAL B 16 7.51 -8.88 13.73
C VAL B 16 8.91 -8.39 14.08
N LYS C 2 15.57 14.23 -0.88
CA LYS C 2 14.18 14.13 -0.45
C LYS C 2 13.42 13.15 -1.35
N LEU C 3 12.39 12.53 -0.78
CA LEU C 3 11.49 11.66 -1.52
C LEU C 3 10.41 12.55 -2.16
N VAL C 4 10.40 12.61 -3.48
CA VAL C 4 9.45 13.44 -4.21
C VAL C 4 8.60 12.54 -5.10
N PHE C 5 7.30 12.81 -5.12
CA PHE C 5 6.34 11.97 -5.83
C PHE C 5 6.07 12.58 -7.20
N PHE C 6 6.81 12.12 -8.19
CA PHE C 6 6.63 12.60 -9.55
C PHE C 6 5.33 12.06 -10.14
N ALA C 7 4.94 12.64 -11.27
CA ALA C 7 3.81 12.17 -12.05
C ALA C 7 4.26 11.99 -13.49
N GLU C 8 3.84 10.91 -14.11
CA GLU C 8 4.12 10.65 -15.53
C GLU C 8 2.74 10.61 -16.18
N CYS C 10 0.93 8.22 -13.90
CA CYS C 10 1.25 7.37 -12.76
C CYS C 10 2.21 8.05 -11.79
N ILE C 11 1.92 7.90 -10.49
CA ILE C 11 2.63 8.60 -9.43
C ILE C 11 3.64 7.63 -8.82
N ILE C 12 4.91 7.96 -8.92
CA ILE C 12 5.99 7.13 -8.39
C ILE C 12 6.93 8.00 -7.56
N CYS C 14 10.41 9.01 -5.99
CA CYS C 14 11.82 8.82 -6.30
C CYS C 14 12.67 9.73 -5.42
N MET C 15 13.89 9.28 -5.13
CA MET C 15 14.78 10.01 -4.24
C MET C 15 15.64 10.99 -5.02
N VAL C 16 15.42 12.28 -4.80
CA VAL C 16 16.18 13.31 -5.48
C VAL C 16 17.06 14.02 -4.46
N LYS D 2 -10.34 8.85 -11.04
CA LYS D 2 -10.00 8.32 -9.72
C LYS D 2 -8.56 7.81 -9.69
N LEU D 3 -8.01 7.68 -8.49
CA LEU D 3 -6.67 7.12 -8.30
C LEU D 3 -6.79 5.61 -8.14
N VAL D 4 -6.38 4.87 -9.16
CA VAL D 4 -6.52 3.41 -9.20
C VAL D 4 -5.16 2.79 -8.91
N PHE D 5 -5.13 1.85 -7.97
CA PHE D 5 -3.90 1.14 -7.61
C PHE D 5 -3.87 -0.17 -8.40
N PHE D 6 -3.36 -0.10 -9.63
CA PHE D 6 -3.23 -1.29 -10.44
C PHE D 6 -2.25 -2.26 -9.80
N ALA D 7 -2.41 -3.55 -10.11
CA ALA D 7 -1.52 -4.61 -9.63
C ALA D 7 -1.36 -5.63 -10.77
N GLU D 8 -0.50 -5.29 -11.73
CA GLU D 8 -0.23 -6.18 -12.84
C GLU D 8 1.13 -6.85 -12.66
N CYS D 10 3.78 -6.20 -8.89
CA CYS D 10 3.94 -4.88 -8.31
C CYS D 10 2.66 -4.04 -8.37
N ILE D 11 2.64 -2.98 -7.57
CA ILE D 11 1.47 -2.12 -7.40
C ILE D 11 1.86 -0.70 -7.76
N ILE D 12 1.09 -0.07 -8.64
CA ILE D 12 1.34 1.30 -9.05
C ILE D 12 0.01 2.06 -9.09
N CYS D 14 -1.49 4.24 -10.74
CA CYS D 14 -1.75 5.02 -11.95
C CYS D 14 -3.11 5.69 -11.86
N MET D 15 -3.32 6.67 -12.73
CA MET D 15 -4.50 7.52 -12.68
C MET D 15 -5.42 7.30 -13.86
N VAL D 16 -6.71 7.30 -13.59
CA VAL D 16 -7.50 7.09 -14.81
C VAL D 16 -8.84 7.81 -14.65
N LYS E 2 -6.28 -5.09 -9.21
CA LYS E 2 -6.28 -3.80 -8.53
C LYS E 2 -6.22 -3.97 -7.02
N LEU E 3 -5.50 -3.06 -6.36
CA LEU E 3 -5.47 -3.00 -4.90
C LEU E 3 -6.67 -2.19 -4.43
N VAL E 4 -7.62 -2.85 -3.78
CA VAL E 4 -8.85 -2.23 -3.32
C VAL E 4 -8.90 -2.32 -1.80
N PHE E 5 -9.37 -1.25 -1.16
CA PHE E 5 -9.42 -1.15 0.29
C PHE E 5 -10.86 -1.29 0.74
N PHE E 6 -11.22 -2.48 1.18
CA PHE E 6 -12.59 -2.77 1.62
C PHE E 6 -12.80 -2.23 3.02
N ALA E 7 -13.76 -1.31 3.16
CA ALA E 7 -14.13 -0.76 4.46
C ALA E 7 -15.29 -1.61 4.99
N GLU E 8 -14.96 -2.65 5.74
CA GLU E 8 -15.96 -3.57 6.27
C GLU E 8 -16.57 -3.06 7.56
N CYS E 10 -13.85 -1.19 9.41
CA CYS E 10 -12.40 -1.23 9.31
C CYS E 10 -12.01 -1.34 7.84
N ILE E 11 -10.78 -0.92 7.53
CA ILE E 11 -10.33 -0.79 6.14
C ILE E 11 -9.18 -1.76 5.92
N ILE E 12 -9.39 -2.71 5.00
CA ILE E 12 -8.40 -3.73 4.66
C ILE E 12 -8.06 -3.60 3.17
N CYS E 14 -7.14 -5.46 0.01
CA CYS E 14 -6.97 -6.74 -0.66
C CYS E 14 -6.92 -6.57 -2.18
N MET E 15 -6.08 -7.38 -2.83
CA MET E 15 -5.92 -7.33 -4.27
C MET E 15 -7.00 -8.18 -4.92
N VAL E 16 -7.54 -7.65 -6.01
CA VAL E 16 -8.59 -8.21 -6.85
C VAL E 16 -8.15 -8.15 -8.31
N LYS F 2 -13.42 10.19 12.68
CA LYS F 2 -11.99 10.11 12.39
C LYS F 2 -11.56 8.65 12.21
N LEU F 3 -10.58 8.44 11.33
CA LEU F 3 -10.09 7.10 11.02
C LEU F 3 -9.01 6.73 12.03
N VAL F 4 -9.38 5.90 13.01
CA VAL F 4 -8.45 5.46 14.04
C VAL F 4 -7.65 4.27 13.53
N PHE F 5 -6.40 4.19 13.98
CA PHE F 5 -5.49 3.11 13.59
C PHE F 5 -5.28 2.22 14.82
N PHE F 6 -6.01 1.12 14.87
CA PHE F 6 -5.87 0.17 15.96
C PHE F 6 -4.75 -0.81 15.67
N ALA F 7 -4.19 -1.37 16.74
CA ALA F 7 -3.10 -2.34 16.62
C ALA F 7 -3.16 -3.24 17.84
N GLU F 8 -3.54 -4.49 17.62
CA GLU F 8 -3.62 -5.46 18.71
C GLU F 8 -2.58 -6.52 18.46
N CYS F 10 -0.51 -6.52 14.63
CA CYS F 10 -1.03 -6.04 13.35
C CYS F 10 -1.82 -4.74 13.49
N ILE F 11 -1.59 -3.81 12.57
CA ILE F 11 -2.24 -2.50 12.58
C ILE F 11 -3.38 -2.51 11.57
N ILE F 12 -4.54 -2.01 11.98
CA ILE F 12 -5.71 -1.91 11.10
C ILE F 12 -6.40 -0.56 11.27
N CYS F 14 -9.47 1.88 11.30
CA CYS F 14 -10.90 1.72 11.58
C CYS F 14 -11.51 3.04 12.04
N MET F 15 -12.84 3.12 12.00
CA MET F 15 -13.54 4.36 12.35
C MET F 15 -14.14 4.31 13.74
N VAL F 16 -14.48 5.48 14.28
CA VAL F 16 -15.01 6.29 15.36
C VAL F 16 -15.46 7.65 14.80
#